data_8R79
#
_entry.id   8R79
#
_cell.length_a   140.893
_cell.length_b   140.893
_cell.length_c   41.037
_cell.angle_alpha   90.00
_cell.angle_beta   90.00
_cell.angle_gamma   90.00
#
_symmetry.space_group_name_H-M   'P 41 21 2'
#
loop_
_entity.id
_entity.type
_entity.pdbx_description
1 polymer 'E3 ubiquitin-protein ligase DTX3L'
2 non-polymer 'SULFATE ION'
#
_entity_poly.entity_id   1
_entity_poly.type   'polypeptide(L)'
_entity_poly.pdbx_seq_one_letter_code
;AVDSCLQKIFLTVTADLNCNLFSKEQRAYITTLCPSIRKMEGHDGIEKVCGDFQDIERIHQFLSEQFLESEQKQQ
;
_entity_poly.pdbx_strand_id   A,B,C,D
#
# COMPACT_ATOMS: atom_id res chain seq x y z
N GLN A 7 21.89 6.41 -7.14
CA GLN A 7 20.60 5.77 -7.58
C GLN A 7 19.41 6.62 -7.07
N LYS A 8 18.34 5.97 -6.59
CA LYS A 8 17.12 6.63 -6.05
C LYS A 8 17.13 6.59 -4.52
N ILE A 9 16.71 7.68 -3.89
CA ILE A 9 16.47 7.74 -2.41
C ILE A 9 15.28 6.80 -2.07
N PHE A 10 14.10 7.10 -2.61
CA PHE A 10 12.86 6.30 -2.50
C PHE A 10 12.76 5.38 -3.73
N LEU A 11 12.79 4.06 -3.55
CA LEU A 11 12.70 3.10 -4.67
C LEU A 11 11.35 3.31 -5.37
N THR A 12 10.28 3.41 -4.58
CA THR A 12 8.96 3.93 -5.00
C THR A 12 8.27 4.67 -3.86
N VAL A 13 7.25 5.45 -4.24
CA VAL A 13 6.32 6.19 -3.35
C VAL A 13 4.89 5.93 -3.82
N THR A 14 4.01 5.72 -2.86
CA THR A 14 2.56 5.50 -3.08
C THR A 14 1.80 6.53 -2.26
N ALA A 15 0.74 7.09 -2.83
CA ALA A 15 -0.12 8.11 -2.17
C ALA A 15 -1.58 7.73 -2.34
N ASP A 16 -2.30 7.60 -1.23
CA ASP A 16 -3.78 7.47 -1.22
C ASP A 16 -4.33 8.84 -1.54
N LEU A 17 -5.07 8.97 -2.61
CA LEU A 17 -5.70 10.27 -2.99
C LEU A 17 -6.97 10.46 -2.17
N ASN A 18 -7.26 11.69 -1.80
CA ASN A 18 -8.60 12.06 -1.26
C ASN A 18 -9.60 12.07 -2.41
N CYS A 19 -10.50 11.09 -2.44
CA CYS A 19 -11.55 10.94 -3.48
C CYS A 19 -12.86 11.62 -3.05
N ASN A 20 -12.95 12.14 -1.82
CA ASN A 20 -14.05 13.04 -1.38
C ASN A 20 -13.82 14.45 -1.92
N LEU A 21 -12.56 14.87 -1.93
CA LEU A 21 -12.14 16.26 -2.19
C LEU A 21 -12.10 16.50 -3.70
N PHE A 22 -11.80 15.48 -4.48
CA PHE A 22 -11.47 15.64 -5.92
C PHE A 22 -12.28 14.62 -6.69
N SER A 23 -12.82 15.05 -7.83
CA SER A 23 -13.71 14.27 -8.72
C SER A 23 -12.89 13.22 -9.47
N LYS A 24 -13.58 12.25 -10.06
CA LYS A 24 -13.03 11.32 -11.07
C LYS A 24 -12.31 12.11 -12.17
N GLU A 25 -12.92 13.21 -12.64
CA GLU A 25 -12.44 14.00 -13.81
C GLU A 25 -11.12 14.69 -13.43
N GLN A 26 -11.08 15.31 -12.24
CA GLN A 26 -9.87 16.01 -11.71
C GLN A 26 -8.72 14.99 -11.56
N ARG A 27 -8.99 13.89 -10.88
CA ARG A 27 -7.95 12.88 -10.59
C ARG A 27 -7.58 12.12 -11.86
N ALA A 28 -8.43 12.11 -12.89
CA ALA A 28 -8.13 11.40 -14.17
C ALA A 28 -7.01 12.15 -14.92
N TYR A 29 -6.83 13.45 -14.67
CA TYR A 29 -5.79 14.22 -15.40
C TYR A 29 -4.40 13.65 -15.07
N ILE A 30 -4.27 13.01 -13.91
CA ILE A 30 -2.97 12.48 -13.43
C ILE A 30 -2.33 11.64 -14.55
N THR A 31 -3.12 10.95 -15.37
CA THR A 31 -2.62 10.11 -16.49
C THR A 31 -1.82 10.97 -17.47
N THR A 32 -2.23 12.22 -17.72
CA THR A 32 -1.58 13.17 -18.66
C THR A 32 -0.44 13.89 -17.92
N LEU A 33 -0.70 14.35 -16.70
CA LEU A 33 0.31 15.02 -15.86
C LEU A 33 1.54 14.11 -15.70
N CYS A 34 1.39 12.82 -15.37
CA CYS A 34 2.52 11.89 -15.04
C CYS A 34 2.35 10.56 -15.76
N PRO A 35 2.61 10.50 -17.09
CA PRO A 35 2.16 9.36 -17.91
C PRO A 35 2.67 7.98 -17.48
N SER A 36 3.79 7.88 -16.76
CA SER A 36 4.35 6.56 -16.35
C SER A 36 4.07 6.30 -14.87
N ILE A 37 3.23 7.10 -14.21
CA ILE A 37 2.68 6.81 -12.86
C ILE A 37 1.77 5.57 -12.95
N ARG A 38 1.97 4.59 -12.07
CA ARG A 38 1.07 3.43 -11.90
C ARG A 38 -0.11 3.85 -11.00
N LYS A 39 -1.32 3.44 -11.38
CA LYS A 39 -2.61 3.92 -10.79
C LYS A 39 -3.37 2.72 -10.22
N MET A 40 -3.95 2.85 -9.04
CA MET A 40 -5.01 1.94 -8.56
C MET A 40 -6.35 2.61 -8.88
N GLU A 41 -7.17 2.00 -9.73
CA GLU A 41 -8.35 2.69 -10.30
C GLU A 41 -9.60 1.80 -10.22
N GLY A 42 -10.70 2.40 -9.78
CA GLY A 42 -12.04 1.80 -9.74
C GLY A 42 -12.97 2.43 -10.78
N HIS A 43 -14.24 2.03 -10.74
CA HIS A 43 -15.36 2.73 -11.42
C HIS A 43 -15.38 4.18 -10.94
N ASP A 44 -14.77 4.46 -9.78
CA ASP A 44 -14.66 5.83 -9.21
C ASP A 44 -13.41 6.56 -9.75
N GLY A 45 -12.65 5.97 -10.67
CA GLY A 45 -11.41 6.57 -11.21
C GLY A 45 -10.23 6.29 -10.31
N ILE A 46 -9.21 7.15 -10.34
CA ILE A 46 -7.87 6.90 -9.74
C ILE A 46 -7.96 7.19 -8.24
N GLU A 47 -7.62 6.21 -7.41
CA GLU A 47 -7.76 6.30 -5.94
C GLU A 47 -6.38 6.29 -5.27
N LYS A 48 -5.37 5.64 -5.87
CA LYS A 48 -3.98 5.60 -5.37
C LYS A 48 -3.04 5.77 -6.56
N VAL A 49 -1.85 6.32 -6.32
CA VAL A 49 -0.80 6.42 -7.37
C VAL A 49 0.54 5.96 -6.78
N CYS A 50 1.41 5.45 -7.64
CA CYS A 50 2.70 4.80 -7.29
C CYS A 50 3.75 5.19 -8.34
N GLY A 51 4.93 5.64 -7.93
CA GLY A 51 6.07 5.88 -8.83
C GLY A 51 7.17 6.71 -8.19
N ASP A 52 7.85 7.55 -8.98
CA ASP A 52 9.00 8.39 -8.55
C ASP A 52 8.45 9.49 -7.61
N PHE A 53 9.23 9.88 -6.60
CA PHE A 53 8.93 10.98 -5.64
C PHE A 53 8.63 12.29 -6.41
N GLN A 54 9.31 12.53 -7.53
CA GLN A 54 9.09 13.74 -8.38
C GLN A 54 7.66 13.75 -8.93
N ASP A 55 7.09 12.60 -9.26
CA ASP A 55 5.72 12.54 -9.82
C ASP A 55 4.71 12.75 -8.70
N ILE A 56 4.98 12.23 -7.52
CA ILE A 56 4.11 12.42 -6.32
C ILE A 56 4.07 13.91 -5.99
N GLU A 57 5.20 14.61 -6.05
CA GLU A 57 5.29 16.09 -5.83
C GLU A 57 4.45 16.82 -6.87
N ARG A 58 4.64 16.48 -8.16
CA ARG A 58 3.92 17.07 -9.33
C ARG A 58 2.42 16.84 -9.15
N ILE A 59 2.01 15.64 -8.75
CA ILE A 59 0.57 15.31 -8.49
C ILE A 59 0.06 16.15 -7.32
N HIS A 60 0.83 16.27 -6.25
CA HIS A 60 0.45 17.07 -5.06
C HIS A 60 0.27 18.54 -5.46
N GLN A 61 1.19 19.07 -6.29
CA GLN A 61 1.15 20.48 -6.77
C GLN A 61 -0.17 20.70 -7.53
N PHE A 62 -0.48 19.80 -8.46
CA PHE A 62 -1.65 19.86 -9.38
C PHE A 62 -2.96 19.86 -8.58
N LEU A 63 -3.15 18.91 -7.66
CA LEU A 63 -4.40 18.77 -6.85
C LEU A 63 -4.50 19.95 -5.88
N SER A 64 -3.36 20.35 -5.34
CA SER A 64 -3.26 21.52 -4.46
C SER A 64 -3.89 22.77 -5.11
N GLU A 65 -3.81 22.92 -6.43
CA GLU A 65 -4.32 24.11 -7.17
C GLU A 65 -5.83 24.02 -7.39
N GLN A 66 -6.36 22.85 -7.72
CA GLN A 66 -7.83 22.62 -7.78
C GLN A 66 -8.46 23.15 -6.49
N GLN B 7 -19.11 -3.96 9.73
CA GLN B 7 -18.06 -4.45 10.65
C GLN B 7 -16.83 -4.89 9.85
N LYS B 8 -16.08 -3.94 9.30
CA LYS B 8 -14.84 -4.23 8.51
C LYS B 8 -13.68 -4.61 9.46
N ILE B 9 -13.10 -5.78 9.28
CA ILE B 9 -11.89 -6.24 10.03
C ILE B 9 -10.66 -5.63 9.33
N PHE B 10 -10.60 -5.82 8.01
CA PHE B 10 -9.63 -5.16 7.09
C PHE B 10 -10.36 -4.02 6.36
N LEU B 11 -9.89 -2.78 6.53
CA LEU B 11 -10.45 -1.60 5.83
C LEU B 11 -10.29 -1.84 4.32
N THR B 12 -9.09 -2.15 3.87
CA THR B 12 -8.83 -2.63 2.50
C THR B 12 -7.81 -3.76 2.54
N VAL B 13 -7.68 -4.44 1.42
CA VAL B 13 -6.76 -5.58 1.23
C VAL B 13 -6.23 -5.44 -0.19
N THR B 14 -4.91 -5.51 -0.32
CA THR B 14 -4.24 -5.43 -1.64
C THR B 14 -3.46 -6.71 -1.84
N ALA B 15 -3.49 -7.24 -3.06
CA ALA B 15 -2.81 -8.48 -3.49
C ALA B 15 -1.97 -8.19 -4.73
N ASP B 16 -0.74 -8.69 -4.70
CA ASP B 16 0.15 -8.66 -5.88
C ASP B 16 -0.03 -9.97 -6.64
N LEU B 17 -0.39 -9.91 -7.91
CA LEU B 17 -0.74 -11.13 -8.67
C LEU B 17 0.55 -11.72 -9.25
N ASN B 18 0.58 -13.03 -9.42
CA ASN B 18 1.72 -13.74 -10.03
C ASN B 18 1.50 -13.67 -11.53
N CYS B 19 1.95 -12.59 -12.15
CA CYS B 19 1.68 -12.30 -13.58
C CYS B 19 2.42 -13.31 -14.48
N ASN B 20 3.37 -14.07 -13.93
CA ASN B 20 4.12 -15.13 -14.66
C ASN B 20 3.25 -16.37 -14.73
N LEU B 21 2.58 -16.72 -13.64
CA LEU B 21 1.71 -17.91 -13.55
C LEU B 21 0.49 -17.75 -14.47
N PHE B 22 -0.18 -16.59 -14.48
CA PHE B 22 -1.49 -16.38 -15.17
C PHE B 22 -1.37 -15.37 -16.31
N SER B 23 -2.14 -15.58 -17.38
CA SER B 23 -2.15 -14.77 -18.62
C SER B 23 -2.98 -13.50 -18.38
N LYS B 24 -2.88 -12.54 -19.31
CA LYS B 24 -3.61 -11.26 -19.28
C LYS B 24 -5.12 -11.55 -19.35
N GLU B 25 -5.49 -12.57 -20.14
CA GLU B 25 -6.89 -13.01 -20.35
C GLU B 25 -7.42 -13.65 -19.06
N GLN B 26 -6.59 -14.41 -18.35
CA GLN B 26 -6.98 -15.03 -17.06
C GLN B 26 -7.17 -13.93 -16.02
N ARG B 27 -6.19 -13.04 -15.87
CA ARG B 27 -6.21 -11.97 -14.84
C ARG B 27 -7.27 -10.91 -15.20
N ALA B 28 -7.67 -10.81 -16.48
CA ALA B 28 -8.64 -9.77 -16.95
C ALA B 28 -10.04 -10.04 -16.39
N TYR B 29 -10.43 -11.29 -16.16
CA TYR B 29 -11.79 -11.65 -15.68
C TYR B 29 -12.03 -11.04 -14.29
N ILE B 30 -10.97 -10.67 -13.57
CA ILE B 30 -11.12 -10.25 -12.15
C ILE B 30 -12.14 -9.11 -12.06
N THR B 31 -12.18 -8.19 -13.03
CA THR B 31 -13.11 -7.04 -13.03
C THR B 31 -14.55 -7.54 -13.18
N THR B 32 -14.77 -8.61 -13.93
CA THR B 32 -16.10 -9.23 -14.08
C THR B 32 -16.40 -10.06 -12.84
N LEU B 33 -15.44 -10.84 -12.34
CA LEU B 33 -15.63 -11.67 -11.12
C LEU B 33 -15.97 -10.73 -9.96
N CYS B 34 -15.25 -9.62 -9.81
CA CYS B 34 -15.37 -8.66 -8.67
C CYS B 34 -15.58 -7.26 -9.21
N PRO B 35 -16.82 -6.89 -9.61
CA PRO B 35 -17.08 -5.62 -10.29
C PRO B 35 -16.64 -4.37 -9.50
N SER B 36 -16.74 -4.42 -8.17
CA SER B 36 -16.41 -3.30 -7.26
C SER B 36 -14.90 -3.22 -6.99
N ILE B 37 -14.08 -4.10 -7.56
CA ILE B 37 -12.64 -4.22 -7.21
C ILE B 37 -11.91 -3.02 -7.79
N ARG B 38 -10.78 -2.66 -7.19
CA ARG B 38 -9.85 -1.66 -7.73
C ARG B 38 -8.64 -2.43 -8.26
N LYS B 39 -7.99 -1.93 -9.30
CA LYS B 39 -6.90 -2.64 -10.00
C LYS B 39 -5.85 -1.65 -10.51
N MET B 40 -4.68 -2.19 -10.78
CA MET B 40 -3.52 -1.49 -11.36
C MET B 40 -3.09 -2.35 -12.55
N GLU B 41 -3.05 -1.75 -13.73
CA GLU B 41 -2.86 -2.47 -15.01
C GLU B 41 -1.58 -1.99 -15.72
N GLY B 42 -0.52 -2.82 -15.71
CA GLY B 42 0.67 -2.67 -16.57
C GLY B 42 0.41 -3.17 -17.99
N HIS B 43 1.47 -3.33 -18.79
CA HIS B 43 1.39 -3.69 -20.23
C HIS B 43 0.73 -5.08 -20.39
N ASP B 44 0.97 -6.01 -19.47
CA ASP B 44 0.43 -7.40 -19.53
C ASP B 44 -0.79 -7.53 -18.62
N GLY B 45 -1.64 -6.51 -18.61
CA GLY B 45 -2.92 -6.52 -17.89
C GLY B 45 -2.70 -6.28 -16.42
N ILE B 46 -3.62 -6.80 -15.59
CA ILE B 46 -3.83 -6.44 -14.16
C ILE B 46 -2.71 -7.07 -13.34
N GLU B 47 -2.00 -6.26 -12.54
CA GLU B 47 -0.77 -6.65 -11.81
C GLU B 47 -1.05 -6.68 -10.30
N LYS B 48 -2.00 -5.87 -9.87
CA LYS B 48 -2.32 -5.64 -8.44
C LYS B 48 -3.81 -5.32 -8.34
N VAL B 49 -4.40 -5.70 -7.22
CA VAL B 49 -5.87 -5.66 -6.99
C VAL B 49 -6.12 -5.21 -5.55
N CYS B 50 -7.11 -4.34 -5.32
CA CYS B 50 -7.42 -3.78 -3.98
C CYS B 50 -8.93 -3.85 -3.74
N GLY B 51 -9.36 -4.26 -2.55
CA GLY B 51 -10.81 -4.42 -2.25
C GLY B 51 -11.05 -4.97 -0.86
N ASP B 52 -12.17 -5.70 -0.72
CA ASP B 52 -12.58 -6.41 0.51
C ASP B 52 -11.85 -7.73 0.66
N PHE B 53 -11.71 -8.21 1.90
CA PHE B 53 -11.25 -9.59 2.16
C PHE B 53 -12.00 -10.55 1.22
N GLN B 54 -13.34 -10.55 1.28
CA GLN B 54 -14.18 -11.53 0.52
C GLN B 54 -13.79 -11.50 -0.97
N ASP B 55 -13.56 -10.30 -1.51
CA ASP B 55 -13.16 -10.07 -2.93
C ASP B 55 -11.80 -10.73 -3.21
N ILE B 56 -10.83 -10.50 -2.33
CA ILE B 56 -9.47 -11.08 -2.45
C ILE B 56 -9.57 -12.63 -2.34
N GLU B 57 -10.40 -13.14 -1.43
CA GLU B 57 -10.69 -14.59 -1.29
C GLU B 57 -11.19 -15.19 -2.61
N ARG B 58 -12.20 -14.58 -3.20
CA ARG B 58 -12.86 -15.13 -4.43
C ARG B 58 -11.83 -15.08 -5.57
N ILE B 59 -10.94 -14.09 -5.55
CA ILE B 59 -9.90 -13.92 -6.59
C ILE B 59 -8.87 -15.06 -6.45
N HIS B 60 -8.44 -15.34 -5.22
CA HIS B 60 -7.53 -16.48 -4.90
C HIS B 60 -8.15 -17.79 -5.42
N GLN B 61 -9.42 -18.03 -5.07
CA GLN B 61 -10.20 -19.20 -5.55
C GLN B 61 -10.21 -19.25 -7.09
N PHE B 62 -10.68 -18.20 -7.76
CA PHE B 62 -10.82 -18.18 -9.24
C PHE B 62 -9.50 -18.62 -9.87
N LEU B 63 -8.40 -18.04 -9.38
CA LEU B 63 -7.07 -18.20 -10.01
C LEU B 63 -6.51 -19.57 -9.64
N SER B 64 -6.75 -20.04 -8.41
CA SER B 64 -6.27 -21.36 -7.96
C SER B 64 -6.80 -22.47 -8.90
N GLU B 65 -7.94 -22.28 -9.55
CA GLU B 65 -8.55 -23.33 -10.41
C GLU B 65 -8.17 -23.14 -11.88
N GLN B 66 -7.22 -22.27 -12.21
CA GLN B 66 -6.73 -22.18 -13.62
C GLN B 66 -5.59 -23.20 -13.80
N GLN C 7 5.56 -22.11 -7.00
CA GLN C 7 4.91 -20.86 -7.48
C GLN C 7 3.61 -20.65 -6.72
N LYS C 8 3.27 -19.38 -6.44
CA LYS C 8 2.13 -18.97 -5.58
C LYS C 8 1.30 -17.91 -6.31
N ILE C 9 0.00 -17.84 -5.97
CA ILE C 9 -1.03 -17.02 -6.69
C ILE C 9 -0.76 -15.54 -6.44
N PHE C 10 -0.73 -15.15 -5.16
CA PHE C 10 -0.44 -13.80 -4.66
C PHE C 10 1.03 -13.68 -4.21
N LEU C 11 1.82 -12.82 -4.85
CA LEU C 11 3.23 -12.61 -4.49
C LEU C 11 3.29 -12.14 -3.03
N THR C 12 2.67 -11.01 -2.70
CA THR C 12 2.36 -10.59 -1.31
C THR C 12 0.90 -10.15 -1.23
N VAL C 13 0.44 -10.04 0.01
CA VAL C 13 -0.88 -9.45 0.35
C VAL C 13 -0.65 -8.47 1.48
N THR C 14 -1.31 -7.33 1.41
CA THR C 14 -1.31 -6.30 2.46
C THR C 14 -2.74 -6.00 2.89
N ALA C 15 -2.93 -5.83 4.20
CA ALA C 15 -4.25 -5.55 4.81
C ALA C 15 -4.14 -4.33 5.70
N ASP C 16 -4.97 -3.33 5.46
CA ASP C 16 -5.16 -2.18 6.38
C ASP C 16 -6.09 -2.64 7.51
N LEU C 17 -5.61 -2.56 8.73
CA LEU C 17 -6.31 -3.07 9.92
C LEU C 17 -7.30 -2.02 10.41
N ASN C 18 -8.47 -2.46 10.83
CA ASN C 18 -9.47 -1.57 11.48
C ASN C 18 -8.99 -1.30 12.90
N CYS C 19 -8.35 -0.15 13.12
CA CYS C 19 -7.81 0.27 14.43
C CYS C 19 -8.88 0.92 15.31
N ASN C 20 -10.09 1.11 14.80
CA ASN C 20 -11.22 1.62 15.63
C ASN C 20 -11.86 0.44 16.35
N LEU C 21 -11.98 -0.68 15.64
CA LEU C 21 -12.71 -1.88 16.09
C LEU C 21 -11.80 -2.76 16.98
N PHE C 22 -10.48 -2.65 16.86
CA PHE C 22 -9.51 -3.52 17.56
C PHE C 22 -8.42 -2.66 18.23
N SER C 23 -8.27 -2.78 19.57
CA SER C 23 -7.28 -2.09 20.44
C SER C 23 -5.85 -2.32 19.94
N LYS C 24 -4.91 -1.51 20.43
CA LYS C 24 -3.45 -1.68 20.18
C LYS C 24 -3.01 -3.09 20.59
N GLU C 25 -3.60 -3.60 21.69
CA GLU C 25 -3.18 -4.83 22.40
C GLU C 25 -3.67 -6.05 21.63
N GLN C 26 -4.95 -6.04 21.23
CA GLN C 26 -5.52 -7.07 20.34
C GLN C 26 -4.67 -7.16 19.07
N ARG C 27 -4.26 -6.01 18.52
CA ARG C 27 -3.52 -5.92 17.24
C ARG C 27 -2.08 -6.41 17.44
N ALA C 28 -1.46 -6.10 18.58
CA ALA C 28 -0.09 -6.50 18.98
C ALA C 28 0.10 -8.04 18.95
N TYR C 29 -0.93 -8.82 19.26
CA TYR C 29 -0.84 -10.31 19.25
C TYR C 29 -0.40 -10.84 17.87
N ILE C 30 -0.61 -10.08 16.80
CA ILE C 30 -0.26 -10.48 15.40
C ILE C 30 1.24 -10.84 15.33
N THR C 31 2.07 -10.21 16.15
CA THR C 31 3.51 -10.55 16.28
C THR C 31 3.68 -12.03 16.69
N THR C 32 2.93 -12.49 17.70
CA THR C 32 2.93 -13.89 18.18
C THR C 32 2.28 -14.81 17.12
N LEU C 33 1.05 -14.47 16.72
CA LEU C 33 0.24 -15.20 15.72
C LEU C 33 1.08 -15.51 14.47
N CYS C 34 1.69 -14.50 13.84
CA CYS C 34 2.50 -14.65 12.59
C CYS C 34 3.82 -13.90 12.76
N PRO C 35 4.83 -14.52 13.41
CA PRO C 35 6.09 -13.83 13.68
C PRO C 35 6.80 -13.47 12.37
N SER C 36 6.37 -14.02 11.24
CA SER C 36 6.98 -13.71 9.93
C SER C 36 6.30 -12.52 9.24
N ILE C 37 5.15 -12.03 9.72
CA ILE C 37 4.38 -10.96 9.02
C ILE C 37 5.14 -9.62 9.14
N ARG C 38 5.45 -8.98 8.01
CA ARG C 38 5.96 -7.58 7.99
C ARG C 38 4.84 -6.65 8.47
N LYS C 39 5.18 -5.65 9.28
CA LYS C 39 4.23 -4.75 9.98
C LYS C 39 4.59 -3.28 9.72
N MET C 40 3.58 -2.44 9.50
CA MET C 40 3.66 -0.97 9.51
C MET C 40 3.15 -0.54 10.87
N GLU C 41 4.00 0.06 11.71
CA GLU C 41 3.65 0.28 13.13
C GLU C 41 4.18 1.64 13.60
N GLY C 42 3.34 2.37 14.36
CA GLY C 42 3.70 3.55 15.16
C GLY C 42 3.14 3.44 16.57
N HIS C 43 2.82 4.58 17.19
CA HIS C 43 2.45 4.70 18.62
C HIS C 43 0.98 4.29 18.88
N ASP C 44 0.27 3.76 17.89
CA ASP C 44 -1.01 3.04 18.11
C ASP C 44 -0.82 1.60 17.64
N GLY C 45 0.45 1.18 17.52
CA GLY C 45 0.87 -0.18 17.16
C GLY C 45 0.72 -0.46 15.69
N ILE C 46 0.37 -1.70 15.38
CA ILE C 46 0.33 -2.28 14.00
C ILE C 46 -0.93 -1.76 13.32
N GLU C 47 -0.76 -1.12 12.16
CA GLU C 47 -1.87 -0.49 11.41
C GLU C 47 -2.15 -1.26 10.13
N LYS C 48 -1.09 -1.82 9.55
CA LYS C 48 -1.09 -2.52 8.25
C LYS C 48 -0.17 -3.74 8.40
N VAL C 49 -0.53 -4.87 7.79
CA VAL C 49 0.29 -6.11 7.75
C VAL C 49 0.50 -6.52 6.29
N CYS C 50 1.65 -7.10 5.98
CA CYS C 50 2.05 -7.53 4.60
C CYS C 50 2.68 -8.92 4.68
N GLY C 51 2.31 -9.82 3.77
CA GLY C 51 2.87 -11.19 3.80
C GLY C 51 2.17 -12.13 2.85
N ASP C 52 2.16 -13.41 3.24
CA ASP C 52 1.54 -14.54 2.51
C ASP C 52 0.03 -14.47 2.70
N PHE C 53 -0.73 -14.92 1.70
CA PHE C 53 -2.21 -14.99 1.79
C PHE C 53 -2.57 -15.76 3.07
N GLN C 54 -1.94 -16.93 3.31
CA GLN C 54 -2.27 -17.84 4.45
C GLN C 54 -2.19 -17.05 5.76
N ASP C 55 -1.15 -16.23 5.92
CA ASP C 55 -0.95 -15.41 7.14
C ASP C 55 -2.05 -14.36 7.27
N ILE C 56 -2.39 -13.67 6.18
CA ILE C 56 -3.51 -12.68 6.18
C ILE C 56 -4.77 -13.41 6.65
N GLU C 57 -5.09 -14.57 6.06
CA GLU C 57 -6.24 -15.40 6.49
C GLU C 57 -6.17 -15.65 8.01
N ARG C 58 -5.01 -16.06 8.54
CA ARG C 58 -4.91 -16.41 9.98
C ARG C 58 -5.26 -15.17 10.80
N ILE C 59 -4.69 -14.02 10.45
CA ILE C 59 -4.91 -12.75 11.20
C ILE C 59 -6.39 -12.40 11.13
N HIS C 60 -7.02 -12.50 9.95
CA HIS C 60 -8.47 -12.24 9.77
C HIS C 60 -9.28 -13.23 10.63
N GLN C 61 -8.90 -14.51 10.57
CA GLN C 61 -9.48 -15.60 11.40
C GLN C 61 -9.37 -15.24 12.90
N PHE C 62 -8.18 -14.84 13.38
CA PHE C 62 -7.97 -14.42 14.79
C PHE C 62 -8.89 -13.25 15.12
N LEU C 63 -8.82 -12.20 14.33
CA LEU C 63 -9.49 -10.92 14.64
C LEU C 63 -11.00 -11.13 14.61
N SER C 64 -11.47 -11.95 13.66
CA SER C 64 -12.92 -12.25 13.49
C SER C 64 -13.43 -13.05 14.69
N GLU C 65 -12.58 -13.89 15.29
CA GLU C 65 -12.91 -14.62 16.55
C GLU C 65 -12.87 -13.68 17.77
N GLN C 66 -12.76 -12.34 17.61
CA GLN C 66 -12.91 -11.39 18.75
C GLN C 66 -14.21 -10.59 18.58
N GLN D 7 -9.21 18.48 5.13
CA GLN D 7 -8.69 18.77 3.77
C GLN D 7 -7.27 18.21 3.68
N LYS D 8 -7.10 16.89 3.57
CA LYS D 8 -5.81 16.24 3.17
C LYS D 8 -5.87 15.91 1.69
N ILE D 9 -4.85 16.28 0.92
CA ILE D 9 -4.75 15.95 -0.54
C ILE D 9 -4.50 14.44 -0.66
N PHE D 10 -3.44 13.97 0.00
CA PHE D 10 -3.03 12.55 0.08
C PHE D 10 -3.38 12.03 1.48
N LEU D 11 -4.41 11.18 1.60
CA LEU D 11 -4.88 10.67 2.92
C LEU D 11 -3.67 10.11 3.67
N THR D 12 -2.85 9.29 3.01
CA THR D 12 -1.50 8.87 3.49
C THR D 12 -0.54 8.76 2.31
N VAL D 13 0.74 8.61 2.62
CA VAL D 13 1.85 8.48 1.64
C VAL D 13 2.85 7.51 2.27
N THR D 14 3.33 6.58 1.46
CA THR D 14 4.25 5.51 1.87
C THR D 14 5.43 5.54 0.91
N ALA D 15 6.63 5.43 1.46
CA ALA D 15 7.91 5.46 0.71
C ALA D 15 8.71 4.19 1.01
N ASP D 16 9.27 3.61 -0.03
CA ASP D 16 10.20 2.47 0.00
C ASP D 16 11.60 3.04 0.11
N LEU D 17 12.26 2.92 1.27
CA LEU D 17 13.61 3.51 1.43
C LEU D 17 14.59 2.61 0.68
N ASN D 18 15.54 3.19 -0.06
CA ASN D 18 16.69 2.46 -0.62
C ASN D 18 17.66 2.11 0.52
N CYS D 19 17.65 0.85 0.96
CA CYS D 19 18.44 0.36 2.11
C CYS D 19 19.85 -0.03 1.67
N ASN D 20 20.13 -0.02 0.37
CA ASN D 20 21.51 -0.22 -0.16
C ASN D 20 22.28 1.09 -0.03
N LEU D 21 21.67 2.22 -0.37
CA LEU D 21 22.33 3.54 -0.35
C LEU D 21 22.56 4.01 1.08
N PHE D 22 21.64 3.74 2.00
CA PHE D 22 21.64 4.32 3.37
C PHE D 22 21.77 3.19 4.39
N SER D 23 22.63 3.39 5.40
CA SER D 23 22.87 2.47 6.54
C SER D 23 21.67 2.47 7.50
N LYS D 24 21.62 1.47 8.36
CA LYS D 24 20.65 1.33 9.47
C LYS D 24 20.67 2.58 10.35
N GLU D 25 21.87 3.11 10.66
CA GLU D 25 22.07 4.28 11.56
C GLU D 25 21.47 5.51 10.89
N GLN D 26 21.78 5.69 9.61
CA GLN D 26 21.26 6.80 8.77
C GLN D 26 19.73 6.73 8.73
N ARG D 27 19.17 5.54 8.46
CA ARG D 27 17.71 5.36 8.32
C ARG D 27 17.05 5.44 9.69
N ALA D 28 17.77 5.12 10.76
CA ALA D 28 17.21 5.01 12.12
C ALA D 28 16.74 6.40 12.58
N TYR D 29 17.36 7.47 12.09
CA TYR D 29 17.11 8.84 12.60
C TYR D 29 15.71 9.32 12.18
N ILE D 30 15.15 8.66 11.16
CA ILE D 30 13.83 9.03 10.59
C ILE D 30 12.79 9.13 11.72
N THR D 31 12.88 8.30 12.77
CA THR D 31 11.89 8.30 13.88
C THR D 31 12.14 9.44 14.87
N THR D 32 13.32 10.05 14.87
CA THR D 32 13.54 11.33 15.60
C THR D 32 13.12 12.49 14.71
N LEU D 33 13.57 12.50 13.45
CA LEU D 33 13.18 13.51 12.43
C LEU D 33 11.66 13.71 12.38
N CYS D 34 10.86 12.62 12.33
CA CYS D 34 9.37 12.65 12.21
C CYS D 34 8.76 11.74 13.27
N PRO D 35 8.65 12.20 14.52
CA PRO D 35 8.29 11.31 15.62
C PRO D 35 6.95 10.57 15.46
N SER D 36 6.00 11.11 14.70
CA SER D 36 4.67 10.47 14.55
C SER D 36 4.65 9.61 13.28
N ILE D 37 5.80 9.35 12.66
CA ILE D 37 5.91 8.49 11.44
C ILE D 37 5.58 7.06 11.83
N ARG D 38 5.14 6.27 10.86
CA ARG D 38 4.97 4.81 10.97
C ARG D 38 5.99 4.16 10.05
N LYS D 39 6.51 3.00 10.43
CA LYS D 39 7.68 2.35 9.79
C LYS D 39 7.52 0.83 9.70
N MET D 40 8.20 0.23 8.74
CA MET D 40 8.39 -1.22 8.63
C MET D 40 9.89 -1.54 8.70
N GLU D 41 10.26 -2.46 9.59
CA GLU D 41 11.61 -2.60 10.19
C GLU D 41 12.10 -4.05 10.15
N GLY D 42 13.14 -4.35 9.36
CA GLY D 42 13.73 -5.71 9.25
C GLY D 42 15.05 -5.85 9.99
N HIS D 43 15.90 -6.81 9.57
CA HIS D 43 17.22 -7.12 10.17
C HIS D 43 18.19 -5.96 9.95
N ASP D 44 17.99 -5.11 8.92
CA ASP D 44 18.83 -3.91 8.67
C ASP D 44 18.01 -2.63 8.92
N GLY D 45 17.19 -2.60 9.98
CA GLY D 45 16.41 -1.44 10.42
C GLY D 45 15.30 -1.08 9.42
N ILE D 46 15.02 0.22 9.28
CA ILE D 46 13.79 0.78 8.65
C ILE D 46 13.87 0.67 7.13
N GLU D 47 12.93 -0.06 6.52
CA GLU D 47 12.83 -0.33 5.07
C GLU D 47 11.74 0.56 4.44
N LYS D 48 10.65 0.82 5.17
CA LYS D 48 9.48 1.57 4.66
C LYS D 48 8.88 2.46 5.73
N VAL D 49 8.24 3.54 5.31
CA VAL D 49 7.69 4.62 6.17
C VAL D 49 6.36 5.09 5.58
N CYS D 50 5.44 5.51 6.43
CA CYS D 50 4.07 5.94 6.04
C CYS D 50 3.68 7.14 6.91
N GLY D 51 3.08 8.16 6.30
CA GLY D 51 2.61 9.37 7.00
C GLY D 51 2.11 10.41 6.03
N ASP D 52 1.96 11.65 6.51
CA ASP D 52 1.74 12.91 5.76
C ASP D 52 2.71 13.07 4.60
N PHE D 53 2.31 13.88 3.62
CA PHE D 53 3.20 14.33 2.52
C PHE D 53 4.34 15.11 3.16
N GLN D 54 4.04 16.02 4.11
CA GLN D 54 5.08 16.88 4.75
C GLN D 54 6.20 15.99 5.27
N ASP D 55 5.89 14.94 6.02
CA ASP D 55 6.89 14.02 6.63
C ASP D 55 7.74 13.37 5.54
N ILE D 56 7.11 12.85 4.49
CA ILE D 56 7.84 12.13 3.40
C ILE D 56 8.78 13.12 2.69
N GLU D 57 8.36 14.37 2.55
CA GLU D 57 9.23 15.43 1.98
C GLU D 57 10.44 15.67 2.89
N ARG D 58 10.22 15.74 4.20
CA ARG D 58 11.31 15.96 5.19
C ARG D 58 12.24 14.75 5.18
N ILE D 59 11.69 13.53 5.06
CA ILE D 59 12.55 12.31 5.02
C ILE D 59 13.36 12.30 3.72
N HIS D 60 12.78 12.69 2.59
CA HIS D 60 13.52 12.80 1.31
C HIS D 60 14.64 13.84 1.41
N GLN D 61 14.34 15.00 2.00
CA GLN D 61 15.29 16.14 2.22
C GLN D 61 16.49 15.63 3.04
N PHE D 62 16.22 15.06 4.22
CA PHE D 62 17.19 14.47 5.17
C PHE D 62 18.11 13.48 4.45
N LEU D 63 17.55 12.48 3.79
CA LEU D 63 18.34 11.39 3.17
C LEU D 63 19.14 11.98 2.01
N SER D 64 18.53 12.91 1.31
CA SER D 64 19.14 13.63 0.16
C SER D 64 20.46 14.32 0.57
N GLU D 65 20.61 14.74 1.83
CA GLU D 65 21.81 15.45 2.33
C GLU D 65 22.91 14.50 2.84
N GLN D 66 22.67 13.19 2.92
CA GLN D 66 23.72 12.22 3.32
C GLN D 66 24.43 11.76 2.04
#